data_5ZO1
#
_entry.id   5ZO1
#
_cell.length_a   109.497
_cell.length_b   109.497
_cell.length_c   182.441
_cell.angle_alpha   90.00
_cell.angle_beta   90.00
_cell.angle_gamma   90.00
#
_symmetry.space_group_name_H-M   'I 41 2 2'
#
loop_
_entity.id
_entity.type
_entity.pdbx_description
1 polymer 'Cell adhesion molecule 4'
2 branched 2-acetamido-2-deoxy-beta-D-glucopyranose-(1-4)-[alpha-L-fucopyranose-(1-6)]2-acetamido-2-deoxy-beta-D-glucopyranose
3 non-polymer GLYCEROL
4 water water
#
_entity_poly.entity_id   1
_entity_poly.type   'polypeptide(L)'
_entity_poly.pdbx_seq_one_letter_code
;QEVQTEQVTVAEGGVAEITCRLHQYDGSIVVIQNPARQTLFFNGTRALKDERFQLEEFSPRRVRIRLSDARLEDEGGYFC
QLYTEDTHHQIATLTVLVAPENPVVEVREQAVEGGEVELSCLVPRSRPAAVLRWYRDRKELKGVSSGQENGKVWSVASTV
RFRVDRKDDGGIVICEAQNQALPSGHSKQTQYVLDVQYSPTARIHASQAVVREGDTLVLTCAVTGNPRPNQIRWNRGQES
LPERAEAVGETLTLPGLVSADQGTYTCEAANKHGHARALYVLVVYDPGAVVEAHHHHHH
;
_entity_poly.pdbx_strand_id   A
#
loop_
_chem_comp.id
_chem_comp.type
_chem_comp.name
_chem_comp.formula
FUC L-saccharide, alpha linking alpha-L-fucopyranose 'C6 H12 O5'
GOL non-polymer GLYCEROL 'C3 H8 O3'
NAG D-saccharide, beta linking 2-acetamido-2-deoxy-beta-D-glucopyranose 'C8 H15 N O6'
#
# COMPACT_ATOMS: atom_id res chain seq x y z
N THR A 5 -32.99 17.79 21.09
CA THR A 5 -31.61 17.45 21.43
C THR A 5 -30.74 17.35 20.17
N GLU A 6 -29.83 18.30 20.01
CA GLU A 6 -29.02 18.34 18.79
C GLU A 6 -27.99 17.21 18.80
N GLN A 7 -27.90 16.48 17.69
CA GLN A 7 -26.86 15.48 17.52
C GLN A 7 -25.63 16.18 16.97
N VAL A 8 -24.55 16.20 17.75
CA VAL A 8 -23.31 16.87 17.36
C VAL A 8 -22.21 15.82 17.21
N THR A 9 -21.43 15.95 16.15
CA THR A 9 -20.40 14.97 15.79
C THR A 9 -19.10 15.70 15.53
N VAL A 10 -18.04 15.28 16.23
CA VAL A 10 -16.70 15.85 16.07
C VAL A 10 -15.72 14.72 15.76
N ALA A 11 -14.67 15.06 15.01
CA ALA A 11 -13.48 14.24 14.93
C ALA A 11 -12.66 14.38 16.21
N GLU A 12 -12.01 13.29 16.61
CA GLU A 12 -11.17 13.33 17.80
C GLU A 12 -10.20 14.51 17.70
N GLY A 13 -10.07 15.25 18.81
CA GLY A 13 -9.18 16.40 18.85
C GLY A 13 -9.66 17.66 18.13
N GLY A 14 -10.81 17.61 17.46
CA GLY A 14 -11.35 18.75 16.76
C GLY A 14 -12.21 19.64 17.65
N VAL A 15 -13.02 20.49 17.00
CA VAL A 15 -13.79 21.53 17.68
C VAL A 15 -15.28 21.26 17.49
N ALA A 16 -16.02 21.27 18.58
CA ALA A 16 -17.48 21.19 18.54
C ALA A 16 -18.09 22.44 19.17
N GLU A 17 -19.32 22.72 18.80
CA GLU A 17 -20.07 23.83 19.38
C GLU A 17 -21.40 23.32 19.90
N ILE A 18 -21.72 23.67 21.14
CA ILE A 18 -22.97 23.29 21.78
C ILE A 18 -23.72 24.57 22.13
N THR A 19 -25.02 24.59 21.85
CA THR A 19 -25.82 25.79 22.01
C THR A 19 -27.06 25.46 22.83
N CYS A 20 -27.39 26.32 23.79
CA CYS A 20 -28.64 26.22 24.53
C CYS A 20 -29.59 27.29 24.03
N ARG A 21 -30.73 26.84 23.49
CA ARG A 21 -31.78 27.77 23.09
C ARG A 21 -32.60 28.13 24.32
N LEU A 22 -32.78 29.42 24.53
CA LEU A 22 -33.64 29.91 25.60
C LEU A 22 -34.72 30.78 24.97
N HIS A 23 -35.92 30.73 25.54
CA HIS A 23 -37.09 31.36 24.93
C HIS A 23 -37.70 32.33 25.93
N GLN A 24 -37.85 33.58 25.51
CA GLN A 24 -38.29 34.67 26.38
C GLN A 24 -37.43 34.72 27.64
N TYR A 25 -36.18 35.14 27.44
CA TYR A 25 -35.19 35.06 28.51
C TYR A 25 -35.62 35.83 29.75
N ASP A 26 -35.90 35.10 30.82
CA ASP A 26 -36.28 35.71 32.10
C ASP A 26 -35.17 36.58 32.67
N GLY A 27 -33.92 36.15 32.52
CA GLY A 27 -32.80 36.69 33.27
C GLY A 27 -32.29 35.76 34.34
N SER A 28 -32.99 34.65 34.56
CA SER A 28 -32.63 33.70 35.62
C SER A 28 -31.31 33.02 35.30
N ILE A 29 -30.93 32.05 36.14
CA ILE A 29 -29.66 31.36 36.04
C ILE A 29 -29.81 30.15 35.14
N VAL A 30 -28.93 30.05 34.15
CA VAL A 30 -28.91 28.95 33.19
C VAL A 30 -27.82 27.96 33.62
N VAL A 31 -28.22 26.72 33.89
CA VAL A 31 -27.27 25.66 34.21
C VAL A 31 -27.06 24.79 32.98
N ILE A 32 -25.82 24.65 32.55
CA ILE A 32 -25.44 23.69 31.51
C ILE A 32 -24.67 22.55 32.18
N GLN A 33 -25.11 21.31 31.95
CA GLN A 33 -24.51 20.13 32.56
C GLN A 33 -23.88 19.23 31.49
N ASN A 34 -22.80 18.52 31.89
CA ASN A 34 -22.06 17.63 30.99
C ASN A 34 -22.72 16.24 31.08
N PRO A 35 -22.15 15.20 30.45
CA PRO A 35 -22.82 13.87 30.45
C PRO A 35 -22.85 13.18 31.81
N ALA A 36 -21.93 13.51 32.72
CA ALA A 36 -22.03 13.03 34.09
C ALA A 36 -23.13 13.75 34.90
N ARG A 37 -23.87 14.67 34.25
CA ARG A 37 -24.88 15.51 34.91
C ARG A 37 -24.25 16.39 36.00
N GLN A 38 -22.99 16.75 35.81
CA GLN A 38 -22.31 17.73 36.66
C GLN A 38 -22.48 19.09 36.01
N THR A 39 -22.69 20.12 36.83
CA THR A 39 -22.81 21.47 36.30
C THR A 39 -21.49 21.86 35.62
N LEU A 40 -21.56 22.18 34.34
CA LEU A 40 -20.40 22.58 33.55
C LEU A 40 -20.31 24.09 33.37
N PHE A 41 -21.44 24.78 33.29
CA PHE A 41 -21.50 26.24 33.31
C PHE A 41 -22.65 26.67 34.20
N PHE A 42 -22.34 27.45 35.24
CA PHE A 42 -23.33 28.05 36.13
C PHE A 42 -23.58 29.47 35.64
N ASN A 43 -24.80 29.74 35.19
CA ASN A 43 -25.09 30.94 34.41
C ASN A 43 -23.91 31.09 33.44
N GLY A 44 -23.31 32.27 33.33
CA GLY A 44 -22.22 32.35 32.38
C GLY A 44 -20.88 31.78 32.81
N THR A 45 -20.75 31.29 34.04
CA THR A 45 -19.47 30.98 34.66
C THR A 45 -19.14 29.49 34.57
N ARG A 46 -17.92 29.17 34.14
CA ARG A 46 -17.51 27.78 34.05
C ARG A 46 -17.36 27.15 35.44
N ALA A 47 -18.01 26.02 35.66
CA ALA A 47 -18.07 25.39 36.97
C ALA A 47 -16.99 24.31 37.17
N LEU A 48 -16.35 23.84 36.10
CA LEU A 48 -15.28 22.86 36.20
C LEU A 48 -14.00 23.44 35.58
N LYS A 49 -12.86 23.07 36.13
CA LYS A 49 -11.59 23.69 35.73
C LYS A 49 -11.00 22.94 34.54
N ASP A 50 -11.66 23.10 33.39
CA ASP A 50 -11.26 22.44 32.15
C ASP A 50 -11.18 23.51 31.06
N GLU A 51 -9.96 23.93 30.72
CA GLU A 51 -9.77 25.06 29.82
C GLU A 51 -10.19 24.79 28.39
N ARG A 52 -10.59 23.57 28.05
CA ARG A 52 -11.05 23.27 26.70
C ARG A 52 -12.47 23.77 26.45
N PHE A 53 -13.28 23.96 27.48
CA PHE A 53 -14.62 24.50 27.33
C PHE A 53 -14.59 26.02 27.48
N GLN A 54 -15.17 26.71 26.51
CA GLN A 54 -15.16 28.17 26.47
C GLN A 54 -16.56 28.69 26.14
N LEU A 55 -17.06 29.62 26.95
CA LEU A 55 -18.30 30.31 26.63
C LEU A 55 -18.08 31.23 25.44
N GLU A 56 -18.94 31.09 24.43
CA GLU A 56 -18.82 31.84 23.18
C GLU A 56 -19.87 32.93 22.99
N GLU A 57 -21.08 32.71 23.50
CA GLU A 57 -22.15 33.69 23.33
C GLU A 57 -23.17 33.47 24.43
N PHE A 58 -23.50 34.55 25.14
CA PHE A 58 -24.63 34.59 26.06
C PHE A 58 -25.50 35.76 25.61
N SER A 59 -26.44 35.48 24.74
CA SER A 59 -27.35 36.46 24.18
C SER A 59 -28.76 36.20 24.65
N PRO A 60 -29.68 37.13 24.41
CA PRO A 60 -31.08 36.90 24.81
C PRO A 60 -31.74 35.73 24.10
N ARG A 61 -31.09 35.12 23.11
CA ARG A 61 -31.68 34.01 22.38
C ARG A 61 -31.04 32.66 22.66
N ARG A 62 -29.78 32.63 23.08
CA ARG A 62 -29.12 31.34 23.28
C ARG A 62 -27.82 31.52 24.06
N VAL A 63 -27.39 30.43 24.69
CA VAL A 63 -26.07 30.32 25.28
C VAL A 63 -25.30 29.29 24.47
N ARG A 64 -24.14 29.69 23.95
CA ARG A 64 -23.33 28.85 23.08
C ARG A 64 -21.98 28.65 23.72
N ILE A 65 -21.54 27.39 23.79
CA ILE A 65 -20.21 27.04 24.28
C ILE A 65 -19.48 26.27 23.20
N ARG A 66 -18.16 26.34 23.26
CA ARG A 66 -17.27 25.69 22.31
C ARG A 66 -16.39 24.70 23.06
N LEU A 67 -16.17 23.53 22.46
CA LEU A 67 -15.28 22.51 22.98
C LEU A 67 -14.13 22.33 21.99
N SER A 68 -12.92 22.59 22.45
CA SER A 68 -11.69 22.36 21.70
C SER A 68 -11.04 21.06 22.16
N ASP A 69 -10.22 20.49 21.28
CA ASP A 69 -9.50 19.24 21.55
C ASP A 69 -10.47 18.17 22.08
N ALA A 70 -11.41 17.79 21.23
CA ALA A 70 -12.45 16.85 21.62
C ALA A 70 -11.86 15.48 21.92
N ARG A 71 -12.32 14.89 23.02
CA ARG A 71 -11.86 13.59 23.46
C ARG A 71 -13.03 12.64 23.53
N LEU A 72 -12.73 11.34 23.39
CA LEU A 72 -13.78 10.33 23.53
C LEU A 72 -14.52 10.48 24.84
N GLU A 73 -13.84 10.88 25.91
CA GLU A 73 -14.52 11.00 27.20
C GLU A 73 -15.53 12.16 27.24
N ASP A 74 -15.47 13.07 26.27
CA ASP A 74 -16.47 14.14 26.17
C ASP A 74 -17.80 13.67 25.60
N GLU A 75 -17.89 12.43 25.13
CA GLU A 75 -19.13 11.94 24.54
C GLU A 75 -20.25 11.90 25.57
N GLY A 76 -21.48 12.07 25.08
CA GLY A 76 -22.67 11.92 25.90
C GLY A 76 -23.61 13.10 25.75
N GLY A 77 -24.62 13.13 26.60
CA GLY A 77 -25.63 14.17 26.54
C GLY A 77 -25.21 15.40 27.33
N TYR A 78 -25.53 16.57 26.78
CA TYR A 78 -25.35 17.83 27.48
C TYR A 78 -26.72 18.44 27.74
N PHE A 79 -26.84 19.13 28.86
CA PHE A 79 -28.14 19.56 29.37
C PHE A 79 -28.14 21.05 29.63
N CYS A 80 -29.32 21.65 29.50
CA CYS A 80 -29.53 23.06 29.78
C CYS A 80 -30.84 23.21 30.52
N GLN A 81 -30.78 23.82 31.71
CA GLN A 81 -31.95 23.98 32.55
C GLN A 81 -31.81 25.26 33.36
N LEU A 82 -32.94 25.79 33.81
CA LEU A 82 -32.91 26.90 34.73
C LEU A 82 -32.70 26.38 36.15
N TYR A 83 -31.89 27.11 36.93
CA TYR A 83 -31.61 26.69 38.29
C TYR A 83 -32.89 26.38 39.05
N THR A 84 -33.99 27.07 38.70
CA THR A 84 -35.30 26.84 39.29
C THR A 84 -35.91 25.49 38.92
N GLU A 85 -35.21 24.66 38.16
CA GLU A 85 -35.70 23.34 37.77
C GLU A 85 -37.00 23.46 36.96
N ASP A 86 -36.97 24.31 35.95
CA ASP A 86 -38.08 24.34 35.01
C ASP A 86 -38.27 22.97 34.37
N THR A 87 -37.22 22.46 33.74
CA THR A 87 -37.17 21.10 33.20
C THR A 87 -35.72 20.68 33.09
N HIS A 88 -35.47 19.39 33.25
CA HIS A 88 -34.18 18.82 32.90
C HIS A 88 -34.19 18.55 31.40
N HIS A 89 -33.56 19.43 30.63
CA HIS A 89 -33.60 19.37 29.17
C HIS A 89 -32.22 18.99 28.65
N GLN A 90 -32.17 17.91 27.86
CA GLN A 90 -30.99 17.57 27.09
C GLN A 90 -30.98 18.44 25.85
N ILE A 91 -29.90 19.17 25.61
CA ILE A 91 -29.79 20.04 24.44
C ILE A 91 -28.85 19.49 23.38
N ALA A 92 -28.08 18.46 23.69
CA ALA A 92 -27.20 17.91 22.68
C ALA A 92 -26.71 16.55 23.14
N THR A 93 -26.36 15.72 22.15
CA THR A 93 -25.61 14.50 22.36
C THR A 93 -24.36 14.59 21.50
N LEU A 94 -23.20 14.45 22.11
CA LEU A 94 -21.93 14.55 21.42
C LEU A 94 -21.41 13.16 21.09
N THR A 95 -20.98 12.98 19.84
CA THR A 95 -20.33 11.76 19.37
C THR A 95 -18.97 12.12 18.81
N VAL A 96 -17.94 11.40 19.24
CA VAL A 96 -16.57 11.64 18.81
C VAL A 96 -16.14 10.51 17.88
N LEU A 97 -15.62 10.87 16.72
CA LEU A 97 -15.21 9.90 15.71
C LEU A 97 -13.69 9.82 15.63
N VAL A 98 -13.21 8.70 15.08
CA VAL A 98 -11.77 8.47 14.88
C VAL A 98 -11.58 7.91 13.48
N ALA A 99 -10.87 8.67 12.63
CA ALA A 99 -10.58 8.24 11.28
C ALA A 99 -9.44 7.24 11.27
N PRO A 100 -9.43 6.31 10.33
CA PRO A 100 -8.29 5.39 10.24
C PRO A 100 -7.03 6.12 9.78
N GLU A 101 -5.89 5.68 10.32
CA GLU A 101 -4.61 5.99 9.70
C GLU A 101 -4.49 5.21 8.38
N ASN A 102 -3.45 5.50 7.62
CA ASN A 102 -3.14 4.68 6.46
C ASN A 102 -2.90 3.25 6.95
N PRO A 103 -3.46 2.24 6.32
CA PRO A 103 -3.34 0.89 6.87
C PRO A 103 -1.91 0.36 6.79
N VAL A 104 -1.59 -0.55 7.71
CA VAL A 104 -0.31 -1.26 7.70
C VAL A 104 -0.46 -2.55 6.92
N VAL A 105 0.39 -2.74 5.90
CA VAL A 105 0.34 -3.93 5.04
C VAL A 105 1.61 -4.73 5.24
N GLU A 106 1.46 -6.06 5.37
CA GLU A 106 2.58 -6.95 5.54
C GLU A 106 2.36 -8.18 4.67
N VAL A 107 3.43 -8.94 4.47
CA VAL A 107 3.40 -10.17 3.70
C VAL A 107 3.85 -11.31 4.61
N ARG A 108 3.27 -12.48 4.42
CA ARG A 108 3.61 -13.60 5.28
C ARG A 108 5.06 -14.01 5.11
N GLU A 109 5.54 -14.07 3.87
CA GLU A 109 6.82 -14.68 3.56
C GLU A 109 7.16 -14.38 2.10
N GLN A 110 8.40 -14.62 1.73
CA GLN A 110 8.87 -14.40 0.37
C GLN A 110 7.99 -15.19 -0.60
N ALA A 111 7.41 -14.51 -1.56
CA ALA A 111 6.57 -15.18 -2.55
C ALA A 111 7.45 -15.73 -3.65
N VAL A 112 7.07 -16.91 -4.16
CA VAL A 112 7.81 -17.59 -5.21
C VAL A 112 6.82 -18.01 -6.28
N GLU A 113 7.19 -17.84 -7.55
CA GLU A 113 6.36 -18.26 -8.66
C GLU A 113 5.87 -19.69 -8.45
N GLY A 114 4.61 -19.93 -8.73
CA GLY A 114 4.02 -21.23 -8.49
C GLY A 114 3.39 -21.37 -7.12
N GLY A 115 3.75 -20.51 -6.17
CA GLY A 115 3.23 -20.54 -4.84
C GLY A 115 2.22 -19.43 -4.63
N GLU A 116 2.01 -19.08 -3.37
CA GLU A 116 1.04 -18.07 -3.02
C GLU A 116 1.74 -16.90 -2.36
N VAL A 117 1.10 -15.72 -2.49
CA VAL A 117 1.42 -14.57 -1.67
C VAL A 117 0.25 -14.40 -0.70
N GLU A 118 0.57 -14.05 0.55
CA GLU A 118 -0.43 -13.85 1.60
C GLU A 118 -0.14 -12.53 2.28
N LEU A 119 -1.09 -11.62 2.20
CA LEU A 119 -0.96 -10.26 2.70
C LEU A 119 -1.96 -10.00 3.82
N SER A 120 -1.55 -9.18 4.78
CA SER A 120 -2.46 -8.64 5.78
C SER A 120 -2.51 -7.13 5.67
N CYS A 121 -3.63 -6.58 6.13
CA CYS A 121 -3.87 -5.15 6.19
C CYS A 121 -4.55 -4.84 7.51
N LEU A 122 -3.99 -3.88 8.26
CA LEU A 122 -4.48 -3.59 9.60
C LEU A 122 -4.67 -2.09 9.82
N VAL A 123 -5.78 -1.75 10.47
CA VAL A 123 -6.01 -0.41 11.00
C VAL A 123 -6.18 -0.58 12.51
N PRO A 124 -5.27 -0.05 13.32
CA PRO A 124 -5.33 -0.36 14.76
C PRO A 124 -6.42 0.38 15.51
N ARG A 125 -6.92 1.49 14.98
CA ARG A 125 -7.79 2.39 15.74
C ARG A 125 -8.71 3.13 14.79
N SER A 126 -10.02 2.95 14.96
CA SER A 126 -10.99 3.70 14.19
C SER A 126 -12.34 3.66 14.91
N ARG A 127 -13.17 4.66 14.59
CA ARG A 127 -14.50 4.78 15.18
C ARG A 127 -15.37 5.62 14.26
N PRO A 128 -16.44 5.03 13.67
CA PRO A 128 -16.82 3.62 13.73
C PRO A 128 -15.82 2.71 13.01
N ALA A 129 -15.98 1.40 13.15
CA ALA A 129 -15.04 0.44 12.59
C ALA A 129 -14.80 0.71 11.12
N ALA A 130 -13.53 0.88 10.74
CA ALA A 130 -13.19 1.06 9.35
C ALA A 130 -13.53 -0.18 8.53
N VAL A 131 -13.79 0.05 7.25
CA VAL A 131 -13.98 -1.01 6.27
C VAL A 131 -12.71 -1.08 5.42
N LEU A 132 -12.22 -2.30 5.19
CA LEU A 132 -10.98 -2.52 4.46
C LEU A 132 -11.28 -3.19 3.12
N ARG A 133 -10.72 -2.65 2.05
CA ARG A 133 -10.90 -3.19 0.71
C ARG A 133 -9.57 -3.30 -0.01
N TRP A 134 -9.43 -4.37 -0.79
CA TRP A 134 -8.20 -4.72 -1.49
C TRP A 134 -8.39 -4.49 -2.98
N TYR A 135 -7.40 -3.85 -3.62
CA TYR A 135 -7.45 -3.61 -5.06
C TYR A 135 -6.16 -4.02 -5.74
N ARG A 136 -6.31 -4.51 -6.97
CA ARG A 136 -5.22 -4.79 -7.88
C ARG A 136 -5.66 -4.36 -9.28
N ASP A 137 -5.01 -3.35 -9.85
CA ASP A 137 -5.30 -2.94 -11.23
C ASP A 137 -6.78 -2.56 -11.40
N ARG A 138 -7.27 -1.74 -10.48
CA ARG A 138 -8.65 -1.24 -10.52
C ARG A 138 -9.68 -2.29 -10.13
N LYS A 139 -9.29 -3.54 -10.00
CA LYS A 139 -10.23 -4.63 -9.69
C LYS A 139 -10.14 -5.00 -8.22
N GLU A 140 -11.30 -5.13 -7.58
CA GLU A 140 -11.35 -5.44 -6.16
C GLU A 140 -11.10 -6.92 -5.94
N LEU A 141 -10.26 -7.23 -4.97
CA LEU A 141 -10.03 -8.59 -4.54
C LEU A 141 -10.94 -8.91 -3.36
N LYS A 142 -11.38 -10.15 -3.30
CA LYS A 142 -12.17 -10.63 -2.18
C LYS A 142 -11.22 -11.09 -1.09
N GLY A 143 -11.26 -10.40 0.05
CA GLY A 143 -10.50 -10.79 1.22
C GLY A 143 -11.41 -11.25 2.35
N VAL A 144 -10.76 -11.54 3.47
CA VAL A 144 -11.41 -12.00 4.68
C VAL A 144 -10.99 -11.06 5.82
N SER A 145 -11.94 -10.65 6.64
CA SER A 145 -11.74 -9.57 7.64
C SER A 145 -12.24 -9.97 9.02
N SER A 146 -11.73 -9.27 10.02
CA SER A 146 -12.20 -9.40 11.38
C SER A 146 -11.92 -8.08 12.09
N GLY A 147 -12.59 -7.87 13.19
CA GLY A 147 -12.32 -6.68 13.98
C GLY A 147 -12.96 -6.81 15.34
N GLN A 148 -12.60 -5.89 16.22
CA GLN A 148 -13.15 -5.90 17.56
C GLN A 148 -13.05 -4.51 18.16
N GLU A 149 -13.92 -4.26 19.13
CA GLU A 149 -13.94 -2.99 19.84
C GLU A 149 -13.08 -3.09 21.09
N ASN A 150 -12.18 -2.12 21.24
CA ASN A 150 -11.27 -1.99 22.38
C ASN A 150 -11.62 -0.69 23.09
N GLY A 151 -12.58 -0.76 24.01
CA GLY A 151 -13.12 0.43 24.62
C GLY A 151 -14.13 1.05 23.68
N LYS A 152 -13.81 2.23 23.15
CA LYS A 152 -14.69 2.86 22.16
C LYS A 152 -14.15 2.82 20.75
N VAL A 153 -12.92 2.35 20.53
CA VAL A 153 -12.32 2.33 19.21
C VAL A 153 -12.17 0.87 18.74
N TRP A 154 -12.19 0.69 17.43
CA TRP A 154 -12.10 -0.63 16.82
C TRP A 154 -10.76 -0.84 16.14
N SER A 155 -10.23 -2.05 16.28
CA SER A 155 -9.11 -2.50 15.47
C SER A 155 -9.68 -3.47 14.44
N VAL A 156 -9.27 -3.30 13.19
CA VAL A 156 -9.80 -4.07 12.08
C VAL A 156 -8.64 -4.60 11.25
N ALA A 157 -8.74 -5.86 10.83
CA ALA A 157 -7.72 -6.50 10.00
C ALA A 157 -8.38 -7.26 8.86
N SER A 158 -7.63 -7.37 7.76
CA SER A 158 -8.07 -8.10 6.58
C SER A 158 -6.87 -8.81 5.96
N THR A 159 -7.16 -9.86 5.21
CA THR A 159 -6.11 -10.64 4.58
C THR A 159 -6.61 -11.15 3.24
N VAL A 160 -5.66 -11.32 2.33
CA VAL A 160 -5.93 -11.82 1.00
C VAL A 160 -4.79 -12.77 0.64
N ARG A 161 -5.11 -13.76 -0.18
CA ARG A 161 -4.15 -14.81 -0.53
C ARG A 161 -4.43 -15.23 -1.96
N PHE A 162 -3.39 -15.29 -2.81
CA PHE A 162 -3.58 -15.71 -4.20
C PHE A 162 -2.29 -16.22 -4.80
N ARG A 163 -2.43 -17.07 -5.81
CA ARG A 163 -1.30 -17.61 -6.56
C ARG A 163 -0.62 -16.52 -7.38
N VAL A 164 0.71 -16.63 -7.50
CA VAL A 164 1.50 -15.66 -8.25
C VAL A 164 2.44 -16.40 -9.19
N ASP A 165 2.81 -15.73 -10.27
CA ASP A 165 3.96 -16.16 -11.08
C ASP A 165 4.77 -14.93 -11.43
N ARG A 166 5.78 -15.10 -12.29
CA ARG A 166 6.73 -14.02 -12.55
C ARG A 166 6.06 -12.76 -13.10
N LYS A 167 4.93 -12.91 -13.79
CA LYS A 167 4.20 -11.72 -14.30
C LYS A 167 3.74 -10.79 -13.17
N ASP A 168 3.62 -11.30 -11.94
CA ASP A 168 3.15 -10.50 -10.82
C ASP A 168 4.27 -9.76 -10.11
N ASP A 169 5.52 -10.05 -10.43
CA ASP A 169 6.64 -9.41 -9.76
C ASP A 169 6.59 -7.92 -10.07
N GLY A 170 6.69 -7.11 -9.03
CA GLY A 170 6.57 -5.68 -9.19
C GLY A 170 5.15 -5.15 -9.23
N GLY A 171 4.14 -6.02 -9.20
CA GLY A 171 2.77 -5.55 -9.23
C GLY A 171 2.37 -4.88 -7.92
N ILE A 172 1.45 -3.93 -8.04
CA ILE A 172 1.02 -3.10 -6.91
C ILE A 172 -0.31 -3.63 -6.39
N VAL A 173 -0.40 -3.79 -5.07
CA VAL A 173 -1.64 -4.11 -4.36
C VAL A 173 -1.96 -2.92 -3.47
N ILE A 174 -3.23 -2.53 -3.42
CA ILE A 174 -3.70 -1.42 -2.59
C ILE A 174 -4.59 -1.98 -1.49
N CYS A 175 -4.36 -1.55 -0.25
CA CYS A 175 -5.36 -1.69 0.81
C CYS A 175 -5.93 -0.32 1.15
N GLU A 176 -7.25 -0.26 1.23
CA GLU A 176 -7.99 0.98 1.36
C GLU A 176 -8.90 0.90 2.59
N ALA A 177 -8.80 1.90 3.48
CA ALA A 177 -9.63 1.99 4.67
C ALA A 177 -10.59 3.18 4.59
N GLN A 178 -11.87 2.96 4.92
CA GLN A 178 -12.89 4.01 4.95
C GLN A 178 -13.74 3.91 6.20
N ASN A 179 -14.17 5.06 6.73
CA ASN A 179 -15.23 5.11 7.73
C ASN A 179 -15.86 6.49 7.70
N GLN A 180 -16.92 6.66 8.51
CA GLN A 180 -17.71 7.89 8.48
C GLN A 180 -16.90 9.11 8.88
N ALA A 181 -15.78 8.94 9.58
CA ALA A 181 -14.97 10.08 9.97
C ALA A 181 -14.21 10.68 8.80
N LEU A 182 -14.20 10.05 7.66
CA LEU A 182 -13.52 10.64 6.52
C LEU A 182 -14.53 11.36 5.63
N PRO A 183 -14.12 12.44 4.98
CA PRO A 183 -15.06 13.15 4.10
C PRO A 183 -15.53 12.24 2.99
N SER A 184 -16.77 12.46 2.54
CA SER A 184 -17.43 11.54 1.63
C SER A 184 -16.54 11.21 0.44
N GLY A 185 -16.49 9.93 0.10
CA GLY A 185 -15.72 9.46 -1.04
C GLY A 185 -14.24 9.28 -0.80
N HIS A 186 -13.65 9.96 0.18
CA HIS A 186 -12.21 9.88 0.41
C HIS A 186 -11.84 8.58 1.12
N SER A 187 -10.55 8.27 1.08
CA SER A 187 -10.02 7.01 1.58
C SER A 187 -8.63 7.23 2.15
N LYS A 188 -8.23 6.34 3.05
CA LYS A 188 -6.84 6.20 3.45
C LYS A 188 -6.31 4.93 2.80
N GLN A 189 -5.28 5.06 1.98
CA GLN A 189 -4.74 3.98 1.16
C GLN A 189 -3.29 3.70 1.51
N THR A 190 -2.91 2.44 1.36
CA THR A 190 -1.52 2.00 1.41
C THR A 190 -1.22 1.12 0.20
N GLN A 191 -0.13 1.44 -0.51
CA GLN A 191 0.41 0.65 -1.61
C GLN A 191 1.37 -0.39 -1.07
N TYR A 192 1.33 -1.58 -1.68
CA TYR A 192 2.31 -2.61 -1.41
C TYR A 192 2.79 -3.18 -2.74
N VAL A 193 4.11 -3.33 -2.90
CA VAL A 193 4.72 -3.79 -4.15
C VAL A 193 5.07 -5.28 -4.00
N LEU A 194 4.46 -6.11 -4.84
CA LEU A 194 4.77 -7.52 -4.81
C LEU A 194 6.22 -7.79 -5.24
N ASP A 195 6.86 -8.72 -4.54
CA ASP A 195 8.18 -9.23 -4.92
C ASP A 195 8.01 -10.74 -5.08
N VAL A 196 7.99 -11.20 -6.32
CA VAL A 196 7.81 -12.62 -6.63
C VAL A 196 9.11 -13.11 -7.25
N GLN A 197 9.68 -14.13 -6.64
CA GLN A 197 10.92 -14.73 -7.13
C GLN A 197 10.59 -15.79 -8.15
N TYR A 198 11.53 -16.05 -9.05
CA TYR A 198 11.30 -17.00 -10.12
C TYR A 198 12.62 -17.45 -10.73
N SER A 199 12.61 -18.67 -11.24
CA SER A 199 13.76 -19.25 -11.91
C SER A 199 14.11 -18.45 -13.17
N PRO A 200 15.39 -18.45 -13.57
CA PRO A 200 15.85 -17.51 -14.60
C PRO A 200 15.53 -17.97 -16.03
N THR A 201 15.73 -17.04 -16.96
CA THR A 201 15.72 -17.35 -18.38
C THR A 201 16.97 -16.75 -19.03
N ALA A 202 17.29 -17.30 -20.20
CA ALA A 202 18.41 -16.85 -21.01
C ALA A 202 18.02 -16.90 -22.48
N ARG A 203 18.42 -15.88 -23.24
CA ARG A 203 18.13 -15.82 -24.67
CA ARG A 203 18.14 -15.83 -24.68
C ARG A 203 19.30 -15.14 -25.37
N ILE A 204 19.76 -15.72 -26.47
CA ILE A 204 20.86 -15.13 -27.25
C ILE A 204 20.28 -14.40 -28.45
N HIS A 205 20.75 -13.18 -28.67
CA HIS A 205 20.51 -12.44 -29.91
C HIS A 205 21.85 -12.08 -30.54
N ALA A 206 21.98 -12.35 -31.83
CA ALA A 206 23.21 -12.14 -32.56
C ALA A 206 23.14 -10.84 -33.35
N SER A 207 24.28 -10.15 -33.46
CA SER A 207 24.31 -8.87 -34.18
C SER A 207 24.09 -8.99 -35.68
N GLN A 208 24.03 -10.21 -36.23
CA GLN A 208 23.79 -10.44 -37.65
C GLN A 208 22.95 -11.69 -37.82
N ALA A 209 22.15 -11.72 -38.88
CA ALA A 209 21.40 -12.91 -39.23
C ALA A 209 22.27 -13.92 -39.98
N VAL A 210 23.07 -13.48 -40.93
CA VAL A 210 23.91 -14.36 -41.74
C VAL A 210 25.34 -13.95 -41.49
N VAL A 211 26.21 -14.95 -41.23
CA VAL A 211 27.58 -14.73 -40.84
C VAL A 211 28.49 -15.28 -41.92
N ARG A 212 29.51 -14.50 -42.30
CA ARG A 212 30.48 -14.90 -43.29
C ARG A 212 31.87 -14.98 -42.68
N GLU A 213 32.73 -15.79 -43.27
CA GLU A 213 34.14 -15.78 -42.92
C GLU A 213 34.67 -14.37 -43.02
N GLY A 214 35.37 -13.93 -41.99
CA GLY A 214 35.89 -12.58 -41.93
C GLY A 214 35.11 -11.64 -41.04
N ASP A 215 33.90 -12.01 -40.64
CA ASP A 215 33.02 -11.15 -39.86
C ASP A 215 33.41 -11.12 -38.39
N THR A 216 33.00 -10.05 -37.72
CA THR A 216 33.02 -9.94 -36.27
C THR A 216 31.58 -10.06 -35.82
N LEU A 217 31.28 -11.09 -35.03
CA LEU A 217 29.94 -11.35 -34.53
C LEU A 217 29.88 -11.02 -33.05
N VAL A 218 28.77 -10.42 -32.63
CA VAL A 218 28.52 -10.12 -31.22
C VAL A 218 27.26 -10.85 -30.83
N LEU A 219 27.37 -11.72 -29.82
CA LEU A 219 26.22 -12.38 -29.24
C LEU A 219 25.89 -11.70 -27.91
N THR A 220 24.60 -11.41 -27.71
CA THR A 220 24.12 -10.77 -26.48
C THR A 220 23.19 -11.73 -25.78
N CYS A 221 23.44 -11.96 -24.49
CA CYS A 221 22.65 -12.88 -23.67
C CYS A 221 21.74 -12.05 -22.78
N ALA A 222 20.44 -12.10 -23.06
CA ALA A 222 19.45 -11.44 -22.24
C ALA A 222 18.97 -12.41 -21.18
N VAL A 223 19.08 -12.01 -19.92
CA VAL A 223 18.79 -12.85 -18.78
C VAL A 223 17.69 -12.19 -17.95
N THR A 224 16.74 -12.99 -17.48
CA THR A 224 15.81 -12.57 -16.44
C THR A 224 15.91 -13.52 -15.25
N GLY A 225 15.34 -13.07 -14.13
CA GLY A 225 15.26 -13.86 -12.92
C GLY A 225 15.16 -12.99 -11.69
N ASN A 226 14.52 -13.52 -10.63
CA ASN A 226 14.46 -12.85 -9.35
C ASN A 226 14.75 -13.89 -8.28
N PRO A 227 15.86 -13.77 -7.55
CA PRO A 227 16.87 -12.71 -7.63
C PRO A 227 17.57 -12.67 -9.00
N ARG A 228 18.13 -11.50 -9.28
CA ARG A 228 18.86 -11.29 -10.51
C ARG A 228 20.10 -12.19 -10.55
N PRO A 229 20.32 -12.94 -11.65
CA PRO A 229 21.56 -13.72 -11.75
C PRO A 229 22.79 -12.82 -11.71
N ASN A 230 23.81 -13.26 -10.98
CA ASN A 230 25.04 -12.49 -10.84
C ASN A 230 26.04 -12.71 -11.98
N GLN A 231 26.01 -13.84 -12.68
CA GLN A 231 27.13 -14.19 -13.56
C GLN A 231 26.66 -14.91 -14.81
N ILE A 232 27.04 -14.39 -15.95
CA ILE A 232 26.83 -15.03 -17.24
C ILE A 232 28.07 -15.87 -17.57
N ARG A 233 27.86 -17.14 -17.91
CA ARG A 233 28.91 -18.00 -18.41
C ARG A 233 28.68 -18.28 -19.89
N TRP A 234 29.69 -17.99 -20.71
CA TRP A 234 29.66 -18.36 -22.13
C TRP A 234 30.47 -19.63 -22.32
N ASN A 235 30.02 -20.49 -23.23
CA ASN A 235 30.73 -21.73 -23.50
C ASN A 235 30.45 -22.15 -24.93
N ARG A 236 31.03 -23.28 -25.32
CA ARG A 236 30.87 -23.81 -26.67
C ARG A 236 30.87 -25.34 -26.60
N GLY A 237 30.06 -25.97 -27.43
CA GLY A 237 30.03 -27.42 -27.46
C GLY A 237 31.32 -28.00 -28.06
N GLN A 238 31.75 -29.14 -27.49
CA GLN A 238 32.84 -29.97 -28.02
CA GLN A 238 32.83 -29.98 -28.02
C GLN A 238 34.23 -29.39 -27.81
N GLU A 239 34.39 -28.09 -27.96
CA GLU A 239 35.73 -27.53 -27.79
C GLU A 239 35.66 -26.11 -27.26
N SER A 240 36.84 -25.52 -27.07
CA SER A 240 36.96 -24.21 -26.46
C SER A 240 36.43 -23.10 -27.36
N LEU A 241 36.12 -21.95 -26.74
CA LEU A 241 35.81 -20.75 -27.49
C LEU A 241 36.99 -20.38 -28.39
N PRO A 242 36.72 -19.75 -29.54
CA PRO A 242 37.84 -19.32 -30.41
C PRO A 242 38.84 -18.48 -29.63
N GLU A 243 40.10 -18.55 -30.07
CA GLU A 243 41.19 -17.86 -29.37
CA GLU A 243 41.19 -17.86 -29.36
C GLU A 243 40.91 -16.36 -29.24
N ARG A 244 40.35 -15.75 -30.27
CA ARG A 244 40.11 -14.30 -30.24
C ARG A 244 38.84 -13.92 -29.47
N ALA A 245 38.07 -14.88 -28.98
CA ALA A 245 36.79 -14.58 -28.34
C ALA A 245 36.96 -13.67 -27.12
N GLU A 246 36.01 -12.77 -26.92
CA GLU A 246 36.04 -11.83 -25.81
C GLU A 246 34.69 -11.95 -25.10
N ALA A 247 34.70 -12.62 -23.97
CA ALA A 247 33.51 -12.82 -23.16
C ALA A 247 33.54 -11.79 -22.06
N VAL A 248 32.66 -10.81 -22.15
CA VAL A 248 32.58 -9.70 -21.21
C VAL A 248 31.13 -9.60 -20.75
N GLY A 249 30.81 -10.17 -19.58
CA GLY A 249 29.47 -10.08 -19.04
C GLY A 249 28.47 -10.69 -20.02
N GLU A 250 27.48 -9.89 -20.42
CA GLU A 250 26.39 -10.38 -21.27
C GLU A 250 26.72 -10.40 -22.77
N THR A 251 27.93 -10.05 -23.19
CA THR A 251 28.29 -10.10 -24.60
C THR A 251 29.44 -11.05 -24.84
N LEU A 252 29.35 -11.79 -25.94
CA LEU A 252 30.45 -12.59 -26.48
C LEU A 252 30.77 -12.03 -27.85
N THR A 253 31.98 -11.50 -28.00
CA THR A 253 32.45 -10.96 -29.27
C THR A 253 33.39 -11.96 -29.92
N LEU A 254 33.07 -12.33 -31.16
CA LEU A 254 33.86 -13.28 -31.94
C LEU A 254 34.47 -12.57 -33.15
N PRO A 255 35.66 -12.01 -33.04
CA PRO A 255 36.25 -11.30 -34.17
C PRO A 255 36.95 -12.24 -35.14
N GLY A 256 36.99 -11.82 -36.41
CA GLY A 256 37.80 -12.53 -37.37
C GLY A 256 37.37 -13.97 -37.52
N LEU A 257 36.07 -14.21 -37.66
CA LEU A 257 35.57 -15.57 -37.70
C LEU A 257 36.13 -16.33 -38.89
N VAL A 258 36.40 -17.61 -38.66
CA VAL A 258 36.80 -18.53 -39.70
C VAL A 258 35.91 -19.76 -39.61
N SER A 259 35.98 -20.58 -40.65
CA SER A 259 35.14 -21.77 -40.77
C SER A 259 35.20 -22.65 -39.52
N ALA A 260 36.40 -22.86 -38.95
CA ALA A 260 36.52 -23.74 -37.80
C ALA A 260 35.83 -23.19 -36.55
N ASP A 261 35.46 -21.90 -36.53
CA ASP A 261 34.76 -21.33 -35.40
C ASP A 261 33.29 -21.74 -35.33
N GLN A 262 32.77 -22.41 -36.36
CA GLN A 262 31.38 -22.85 -36.36
C GLN A 262 31.13 -23.83 -35.23
N GLY A 263 29.89 -23.87 -34.77
CA GLY A 263 29.50 -24.81 -33.74
C GLY A 263 28.33 -24.27 -32.95
N THR A 264 28.13 -24.84 -31.77
CA THR A 264 27.06 -24.38 -30.87
C THR A 264 27.69 -23.60 -29.72
N TYR A 265 27.09 -22.45 -29.44
CA TYR A 265 27.53 -21.56 -28.37
C TYR A 265 26.40 -21.40 -27.38
N THR A 266 26.75 -21.27 -26.11
CA THR A 266 25.75 -21.20 -25.06
C THR A 266 26.10 -20.08 -24.10
N CYS A 267 25.06 -19.51 -23.51
CA CYS A 267 25.17 -18.64 -22.35
CA CYS A 267 25.19 -18.66 -22.35
C CYS A 267 24.29 -19.20 -21.25
N GLU A 268 24.76 -19.11 -20.02
CA GLU A 268 24.08 -19.73 -18.91
C GLU A 268 24.18 -18.82 -17.70
N ALA A 269 23.13 -18.82 -16.90
CA ALA A 269 23.08 -18.06 -15.66
C ALA A 269 22.18 -18.77 -14.68
N ALA A 270 22.24 -18.35 -13.42
CA ALA A 270 21.59 -19.09 -12.36
C ALA A 270 21.18 -18.15 -11.23
N ASN A 271 20.13 -18.52 -10.52
CA ASN A 271 19.86 -17.93 -9.22
C ASN A 271 19.50 -19.06 -8.28
N LYS A 272 19.01 -18.73 -7.08
CA LYS A 272 18.72 -19.78 -6.10
C LYS A 272 17.57 -20.67 -6.53
N HIS A 273 16.80 -20.30 -7.56
CA HIS A 273 15.71 -21.14 -8.04
C HIS A 273 16.05 -21.89 -9.34
N GLY A 274 17.31 -21.87 -9.76
CA GLY A 274 17.72 -22.73 -10.86
C GLY A 274 18.61 -22.07 -11.91
N HIS A 275 18.95 -22.85 -12.93
CA HIS A 275 19.80 -22.43 -14.03
C HIS A 275 18.97 -22.23 -15.30
N ALA A 276 19.46 -21.34 -16.16
CA ALA A 276 18.94 -21.20 -17.52
C ALA A 276 20.10 -21.16 -18.50
N ARG A 277 19.96 -21.91 -19.60
CA ARG A 277 20.97 -21.97 -20.64
C ARG A 277 20.33 -21.69 -22.00
N ALA A 278 20.90 -20.76 -22.75
CA ALA A 278 20.49 -20.48 -24.12
C ALA A 278 21.55 -21.02 -25.08
N LEU A 279 21.11 -21.49 -26.25
CA LEU A 279 21.99 -22.07 -27.24
C LEU A 279 21.87 -21.30 -28.54
N TYR A 280 23.02 -21.07 -29.18
CA TYR A 280 23.10 -20.42 -30.48
C TYR A 280 23.90 -21.29 -31.44
N VAL A 281 23.34 -21.59 -32.60
CA VAL A 281 24.01 -22.36 -33.64
C VAL A 281 24.70 -21.38 -34.59
N LEU A 282 26.02 -21.42 -34.61
CA LEU A 282 26.81 -20.52 -35.44
C LEU A 282 27.17 -21.23 -36.73
N VAL A 283 26.69 -20.68 -37.85
CA VAL A 283 27.08 -21.12 -39.19
C VAL A 283 27.91 -19.99 -39.77
N VAL A 284 29.06 -20.33 -40.33
CA VAL A 284 29.97 -19.35 -40.92
C VAL A 284 30.14 -19.72 -42.39
N TYR A 285 29.59 -18.90 -43.29
CA TYR A 285 29.56 -19.20 -44.72
C TYR A 285 30.81 -18.67 -45.43
N ASP A 286 31.37 -19.48 -46.34
CA ASP A 286 32.47 -18.98 -47.15
CA ASP A 286 32.46 -19.00 -47.17
C ASP A 286 31.94 -17.90 -48.09
N PRO A 287 32.83 -17.08 -48.64
CA PRO A 287 32.38 -15.92 -49.44
C PRO A 287 31.49 -16.29 -50.63
N GLY A 288 31.65 -17.48 -51.22
CA GLY A 288 30.88 -17.84 -52.39
C GLY A 288 29.57 -18.57 -52.13
N ALA A 289 29.25 -18.85 -50.87
CA ALA A 289 28.02 -19.57 -50.57
C ALA A 289 26.81 -18.70 -50.86
N VAL A 290 25.81 -19.30 -51.50
CA VAL A 290 24.55 -18.63 -51.82
C VAL A 290 23.58 -18.94 -50.70
N VAL A 291 23.18 -17.93 -49.95
CA VAL A 291 22.37 -18.12 -48.76
C VAL A 291 20.96 -17.57 -48.94
N GLU A 292 20.84 -16.29 -49.26
CA GLU A 292 19.52 -15.65 -49.34
C GLU A 292 19.07 -15.45 -50.78
C1 NAG B . -26.86 35.44 34.14
C2 NAG B . -27.59 36.64 34.83
C3 NAG B . -28.31 37.52 33.80
C4 NAG B . -27.42 37.93 32.66
C5 NAG B . -26.89 36.68 31.97
C6 NAG B . -25.93 36.94 30.82
C7 NAG B . -28.38 36.22 37.13
C8 NAG B . -29.50 35.66 37.98
N2 NAG B . -28.55 36.14 35.81
O3 NAG B . -28.83 38.66 34.46
O4 NAG B . -28.16 38.72 31.74
O5 NAG B . -26.16 35.87 32.91
O6 NAG B . -25.14 38.11 30.98
O7 NAG B . -27.37 36.70 37.64
C1 NAG B . -27.53 40.02 31.54
C2 NAG B . -28.06 40.65 30.25
C3 NAG B . -27.33 41.99 29.98
C4 NAG B . -26.87 42.74 31.23
C5 NAG B . -26.89 41.97 32.57
C6 NAG B . -27.15 42.84 33.77
C7 NAG B . -28.88 38.91 28.74
C8 NAG B . -28.56 38.05 27.56
N2 NAG B . -27.92 39.75 29.13
O3 NAG B . -28.18 42.82 29.18
O4 NAG B . -25.45 42.79 31.12
O5 NAG B . -27.81 40.88 32.60
O6 NAG B . -25.93 43.49 34.17
O7 NAG B . -29.96 38.85 29.32
C1 FUC B . -24.01 37.94 31.86
C2 FUC B . -22.76 37.32 31.09
C3 FUC B . -21.87 38.33 30.31
C4 FUC B . -21.89 39.75 30.89
C5 FUC B . -23.29 40.11 31.34
C6 FUC B . -23.34 41.46 31.97
O2 FUC B . -23.12 36.25 30.25
O3 FUC B . -20.51 37.92 30.31
O4 FUC B . -21.02 39.82 32.01
O5 FUC B . -23.69 39.19 32.35
C1 GOL C . 29.58 -27.31 -23.03
O1 GOL C . 30.56 -28.06 -23.72
C2 GOL C . 28.38 -27.06 -23.93
O2 GOL C . 27.26 -27.81 -23.49
C3 GOL C . 27.99 -25.59 -23.95
O3 GOL C . 27.25 -25.37 -22.76
H11 GOL C . 29.27 -27.84 -22.13
H12 GOL C . 30.01 -26.35 -22.73
HO1 GOL C . 31.36 -28.16 -23.17
H2 GOL C . 28.63 -27.36 -24.95
HO2 GOL C . 27.01 -27.51 -22.58
H31 GOL C . 28.89 -24.97 -23.96
H32 GOL C . 27.39 -25.36 -24.83
HO3 GOL C . 27.72 -25.77 -22.00
C1 GOL D . 29.55 -26.21 -39.39
O1 GOL D . 28.97 -26.30 -38.15
C2 GOL D . 28.74 -27.10 -40.26
O2 GOL D . 27.67 -27.48 -39.45
C3 GOL D . 28.29 -26.36 -41.52
O3 GOL D . 27.93 -25.05 -41.19
H11 GOL D . 29.52 -25.18 -39.75
H12 GOL D . 30.59 -26.54 -39.35
HO1 GOL D . 29.48 -25.80 -37.49
H2 GOL D . 29.33 -27.97 -40.54
HO2 GOL D . 27.17 -26.68 -39.18
H31 GOL D . 29.11 -26.35 -42.24
H32 GOL D . 27.45 -26.88 -41.97
HO3 GOL D . 26.95 -24.98 -41.19
#